data_1QTQ
#
_entry.id   1QTQ
#
_cell.length_a   238.780
_cell.length_b   93.360
_cell.length_c   115.260
_cell.angle_alpha   90.00
_cell.angle_beta   90.00
_cell.angle_gamma   90.00
#
_symmetry.space_group_name_H-M   'C 2 2 21'
#
loop_
_entity.id
_entity.type
_entity.pdbx_description
1 polymer 'RNA (TRNA GLN II )'
2 polymer 'PROTEIN (GLUTAMINYL-TRNA SYNTHETASE)'
3 non-polymer 'SULFATE ION'
4 non-polymer "5'-O-[N-(L-GLUTAMINYL)-SULFAMOYL]ADENOSINE"
5 water water
#
loop_
_entity_poly.entity_id
_entity_poly.type
_entity_poly.pdbx_seq_one_letter_code
_entity_poly.pdbx_strand_id
1 'polyribonucleotide' UGGGGUAUCGCCAAGCGGUAAGGCACCGGAUUCUGAUUCCGGCAUUCCGAGGUUCGAAUCCUCGUACCCCAGCCA B
2 'polypeptide(L)'
;SEAEARPTNFIRQIIDEDLASGKHTTVHTRFPPEPNGYLHIGHAKSICLNFGIAQDYKGQCNLRFDDTNPVKEDIEYVES
IKNDVEWLGFHWSGNVRYSSDYFDQLHAYAIELINKGLAYVDELTPEQIREYRGTLTQPGKNSPYRDRSVEENLALFEKM
RAGGFEEGKACLRAKIDMASPFIVMRDPVLYRIKFAEHHQTGNKWCIYPMYDFTHCISDALEGITHSLCTLEFQDNRRLY
DWVLDNITIPVHPRQYEFSRLNLEYTVMSKRKLNLLVTDKHVEGWDDPRMPTISGLRRRGYTAASIREFCKRIGVTKQDN
TIEMASLESCIREDLNENAPRAMAVIDPVKLVIENYQGEGEMVTMPNHPNKPEMGSRQVPFSGEIWIDRADFREEANKQY
KRLVLGKEVRLRNAYVIKAERVEKDAEGNITTIFCTYDADTLSKDPADGRKVKGVIHWVSAAHALPVEIRLYDRLFSVPN
PGAADDFLSVINPESLVIKQGFAEPSLKDAVAGKAFQFEREGYFCLDSRHSTAEKPVFNRTVGLRDTWAKVGE
;
A
#
loop_
_chem_comp.id
_chem_comp.type
_chem_comp.name
_chem_comp.formula
A RNA linking ADENOSINE-5'-MONOPHOSPHATE 'C10 H14 N5 O7 P'
C RNA linking CYTIDINE-5'-MONOPHOSPHATE 'C9 H14 N3 O8 P'
G RNA linking GUANOSINE-5'-MONOPHOSPHATE 'C10 H14 N5 O8 P'
QSI non-polymer 5'-O-[N-(L-GLUTAMINYL)-SULFAMOYL]ADENOSINE 'C15 H22 N8 O8 S'
SO4 non-polymer 'SULFATE ION' 'O4 S -2'
U RNA linking URIDINE-5'-MONOPHOSPHATE 'C9 H13 N2 O9 P'
#
# COMPACT_ATOMS: atom_id res chain seq x y z
N THR B 8 -7.18 -14.51 -16.93
CA THR B 8 -6.15 -14.36 -18.00
C THR B 8 -5.96 -12.91 -18.45
N ASN B 9 -4.70 -12.57 -18.76
CA ASN B 9 -4.31 -11.25 -19.24
C ASN B 9 -3.27 -11.40 -20.35
N PHE B 10 -2.82 -10.30 -20.92
CA PHE B 10 -1.86 -10.37 -22.01
C PHE B 10 -0.55 -11.03 -21.64
N ILE B 11 -0.09 -10.78 -20.42
CA ILE B 11 1.16 -11.37 -19.96
C ILE B 11 1.07 -12.87 -19.83
N ARG B 12 -0.07 -13.36 -19.34
CA ARG B 12 -0.28 -14.79 -19.18
C ARG B 12 -0.41 -15.49 -20.53
N GLN B 13 -0.93 -14.78 -21.53
CA GLN B 13 -1.08 -15.30 -22.88
C GLN B 13 0.28 -15.54 -23.50
N ILE B 14 1.21 -14.63 -23.25
CA ILE B 14 2.57 -14.74 -23.76
C ILE B 14 3.23 -15.96 -23.10
N ILE B 15 3.02 -16.08 -21.80
CA ILE B 15 3.56 -17.19 -21.03
C ILE B 15 3.04 -18.49 -21.62
N ASP B 16 1.74 -18.57 -21.84
CA ASP B 16 1.11 -19.76 -22.41
C ASP B 16 1.69 -20.09 -23.77
N GLU B 17 1.84 -19.07 -24.60
CA GLU B 17 2.38 -19.24 -25.94
C GLU B 17 3.80 -19.77 -25.88
N ASP B 18 4.57 -19.30 -24.90
CA ASP B 18 5.95 -19.74 -24.72
C ASP B 18 6.01 -21.20 -24.29
N LEU B 19 5.12 -21.58 -23.38
CA LEU B 19 5.05 -22.95 -22.88
C LEU B 19 4.70 -23.86 -24.03
N ALA B 20 3.74 -23.42 -24.84
CA ALA B 20 3.29 -24.16 -26.00
C ALA B 20 4.42 -24.33 -27.02
N SER B 21 5.02 -23.22 -27.44
CA SER B 21 6.10 -23.25 -28.42
C SER B 21 7.37 -23.97 -27.93
N GLY B 22 7.43 -24.24 -26.63
CA GLY B 22 8.59 -24.91 -26.06
C GLY B 22 9.78 -23.98 -25.80
N LYS B 23 9.51 -22.67 -25.75
CA LYS B 23 10.56 -21.69 -25.48
C LYS B 23 10.94 -21.82 -24.02
N HIS B 24 9.97 -22.22 -23.21
CA HIS B 24 10.18 -22.42 -21.78
C HIS B 24 9.44 -23.66 -21.37
N THR B 25 9.92 -24.29 -20.31
CA THR B 25 9.29 -25.49 -19.78
C THR B 25 8.78 -25.18 -18.37
N THR B 26 9.25 -24.07 -17.80
CA THR B 26 8.86 -23.60 -16.47
C THR B 26 8.81 -22.07 -16.47
N VAL B 27 8.13 -21.49 -15.47
CA VAL B 27 8.04 -20.04 -15.37
C VAL B 27 8.73 -19.59 -14.09
N HIS B 28 9.51 -18.53 -14.20
CA HIS B 28 10.24 -18.00 -13.08
C HIS B 28 10.16 -16.50 -13.14
N THR B 29 9.45 -15.91 -12.18
CA THR B 29 9.28 -14.47 -12.12
C THR B 29 10.00 -13.91 -10.90
N ARG B 30 9.82 -12.61 -10.65
CA ARG B 30 10.41 -11.95 -9.50
C ARG B 30 9.75 -10.61 -9.15
N PHE B 31 9.86 -10.24 -7.89
CA PHE B 31 9.34 -8.98 -7.40
C PHE B 31 10.61 -8.28 -6.90
N PRO B 32 11.14 -7.32 -7.68
CA PRO B 32 12.37 -6.57 -7.38
C PRO B 32 12.25 -5.13 -6.87
N PRO B 33 11.68 -4.93 -5.69
CA PRO B 33 11.56 -3.56 -5.19
C PRO B 33 12.88 -3.03 -4.66
N GLU B 34 13.01 -1.71 -4.62
CA GLU B 34 14.21 -1.06 -4.07
C GLU B 34 13.86 -0.69 -2.62
N PRO B 35 14.73 -1.04 -1.66
CA PRO B 35 14.46 -0.72 -0.25
C PRO B 35 14.71 0.76 0.10
N ASN B 36 13.93 1.63 -0.53
CA ASN B 36 14.05 3.08 -0.31
C ASN B 36 12.78 3.66 0.30
N GLY B 37 11.81 2.79 0.57
CA GLY B 37 10.56 3.22 1.15
C GLY B 37 9.69 2.01 1.39
N TYR B 38 8.48 2.23 1.93
CA TYR B 38 7.57 1.12 2.16
C TYR B 38 6.78 0.82 0.90
N LEU B 39 6.10 -0.31 0.89
CA LEU B 39 5.31 -0.74 -0.24
C LEU B 39 3.91 -0.15 -0.20
N HIS B 40 3.33 0.08 -1.37
CA HIS B 40 1.98 0.62 -1.46
C HIS B 40 1.09 -0.31 -2.26
N ILE B 41 -0.22 -0.01 -2.27
CA ILE B 41 -1.20 -0.84 -2.98
C ILE B 41 -0.75 -1.10 -4.42
N GLY B 42 0.09 -0.21 -4.96
CA GLY B 42 0.59 -0.35 -6.32
C GLY B 42 1.56 -1.50 -6.41
N HIS B 43 2.44 -1.61 -5.43
CA HIS B 43 3.42 -2.69 -5.36
C HIS B 43 2.73 -4.04 -5.14
N ALA B 44 1.54 -4.01 -4.55
CA ALA B 44 0.78 -5.23 -4.28
C ALA B 44 0.24 -5.78 -5.60
N LYS B 45 0.03 -4.89 -6.57
CA LYS B 45 -0.44 -5.27 -7.90
C LYS B 45 0.68 -6.09 -8.53
N SER B 46 1.90 -5.56 -8.39
CA SER B 46 3.08 -6.22 -8.90
C SER B 46 3.27 -7.56 -8.18
N ILE B 47 3.06 -7.55 -6.87
CA ILE B 47 3.21 -8.75 -6.05
C ILE B 47 2.24 -9.86 -6.46
N CYS B 48 0.97 -9.51 -6.66
CA CYS B 48 -0.03 -10.49 -7.05
C CYS B 48 0.22 -10.97 -8.48
N LEU B 49 0.80 -10.10 -9.30
CA LEU B 49 1.07 -10.45 -10.69
C LEU B 49 2.21 -11.48 -10.73
N ASN B 50 3.35 -11.12 -10.17
CA ASN B 50 4.50 -11.99 -10.16
C ASN B 50 4.35 -13.28 -9.36
N PHE B 51 4.02 -13.19 -8.08
CA PHE B 51 3.84 -14.40 -7.26
C PHE B 51 2.62 -15.15 -7.71
N GLY B 52 1.57 -14.42 -8.08
CA GLY B 52 0.34 -15.03 -8.55
C GLY B 52 0.61 -15.92 -9.75
N ILE B 53 1.34 -15.40 -10.73
CA ILE B 53 1.68 -16.17 -11.93
C ILE B 53 2.46 -17.42 -11.58
N ALA B 54 3.52 -17.26 -10.79
CA ALA B 54 4.38 -18.36 -10.39
C ALA B 54 3.62 -19.55 -9.78
N GLN B 55 2.78 -19.30 -8.78
CA GLN B 55 2.05 -20.39 -8.16
C GLN B 55 1.00 -21.02 -9.06
N ASP B 56 0.43 -20.24 -9.97
CA ASP B 56 -0.57 -20.76 -10.89
C ASP B 56 0.04 -21.64 -11.97
N TYR B 57 1.29 -21.35 -12.33
CA TYR B 57 2.00 -22.13 -13.34
C TYR B 57 2.99 -23.11 -12.71
N LYS B 58 2.88 -23.32 -11.40
CA LYS B 58 3.77 -24.24 -10.68
C LYS B 58 5.23 -23.85 -10.92
N GLY B 59 5.53 -22.56 -10.74
CA GLY B 59 6.87 -22.06 -10.93
C GLY B 59 7.39 -21.35 -9.70
N GLN B 60 8.50 -20.65 -9.85
CA GLN B 60 9.14 -19.92 -8.76
C GLN B 60 9.09 -18.40 -8.98
N CYS B 61 9.17 -17.66 -7.87
CA CYS B 61 9.18 -16.21 -7.90
C CYS B 61 10.08 -15.68 -6.79
N ASN B 62 11.11 -14.95 -7.15
CA ASN B 62 12.05 -14.42 -6.17
C ASN B 62 11.65 -13.05 -5.64
N LEU B 63 12.15 -12.76 -4.45
CA LEU B 63 11.95 -11.49 -3.82
C LEU B 63 13.34 -10.91 -3.82
N ARG B 64 13.63 -10.09 -4.82
CA ARG B 64 14.93 -9.48 -4.92
C ARG B 64 14.90 -8.01 -4.55
N PHE B 65 15.82 -7.61 -3.69
CA PHE B 65 15.91 -6.22 -3.31
C PHE B 65 16.93 -5.58 -4.25
N ASP B 66 16.44 -4.66 -5.09
CA ASP B 66 17.29 -3.98 -6.06
C ASP B 66 18.02 -2.85 -5.34
N ASP B 67 19.01 -3.23 -4.53
CA ASP B 67 19.76 -2.27 -3.76
C ASP B 67 21.06 -1.75 -4.38
N THR B 68 20.93 -1.02 -5.48
CA THR B 68 22.09 -0.47 -6.17
C THR B 68 22.44 0.98 -5.84
N ASN B 69 21.57 1.65 -5.07
CA ASN B 69 21.80 3.04 -4.68
C ASN B 69 21.76 3.13 -3.15
N PRO B 70 22.92 2.93 -2.50
CA PRO B 70 23.03 2.96 -1.04
C PRO B 70 22.46 4.19 -0.35
N VAL B 71 22.80 5.38 -0.85
CA VAL B 71 22.34 6.63 -0.25
C VAL B 71 20.82 6.80 -0.14
N LYS B 72 20.07 6.03 -0.90
CA LYS B 72 18.62 6.12 -0.87
C LYS B 72 17.96 4.99 -0.06
N GLU B 73 18.66 3.88 0.08
CA GLU B 73 18.16 2.71 0.78
C GLU B 73 18.48 2.63 2.26
N ASP B 74 17.74 1.77 2.96
CA ASP B 74 17.94 1.58 4.39
C ASP B 74 17.42 0.21 4.84
N ILE B 75 18.06 -0.36 5.86
CA ILE B 75 17.70 -1.68 6.38
C ILE B 75 16.26 -1.78 6.91
N GLU B 76 15.72 -0.67 7.41
CA GLU B 76 14.36 -0.63 7.93
C GLU B 76 13.36 -0.96 6.83
N TYR B 77 13.74 -0.61 5.61
CA TYR B 77 12.91 -0.83 4.45
C TYR B 77 12.88 -2.26 3.96
N VAL B 78 14.01 -2.96 4.03
CA VAL B 78 14.03 -4.35 3.56
C VAL B 78 13.11 -5.19 4.44
N GLU B 79 13.16 -4.94 5.75
CA GLU B 79 12.34 -5.66 6.72
C GLU B 79 10.85 -5.44 6.53
N SER B 80 10.45 -4.19 6.24
CA SER B 80 9.03 -3.88 6.01
C SER B 80 8.54 -4.45 4.69
N ILE B 81 9.42 -4.53 3.70
CA ILE B 81 9.06 -5.07 2.40
C ILE B 81 8.82 -6.58 2.57
N LYS B 82 9.69 -7.24 3.32
CA LYS B 82 9.56 -8.68 3.56
C LYS B 82 8.29 -8.97 4.33
N ASN B 83 7.99 -8.14 5.32
CA ASN B 83 6.80 -8.32 6.15
C ASN B 83 5.53 -8.21 5.31
N ASP B 84 5.47 -7.17 4.47
CA ASP B 84 4.30 -6.96 3.60
C ASP B 84 4.03 -8.09 2.62
N VAL B 85 5.08 -8.63 1.99
CA VAL B 85 4.94 -9.73 1.03
C VAL B 85 4.36 -10.97 1.72
N GLU B 86 4.90 -11.30 2.90
CA GLU B 86 4.42 -12.45 3.67
C GLU B 86 3.01 -12.21 4.13
N TRP B 87 2.73 -10.99 4.59
CA TRP B 87 1.41 -10.60 5.06
C TRP B 87 0.38 -10.79 3.96
N LEU B 88 0.78 -10.53 2.72
CA LEU B 88 -0.12 -10.69 1.57
C LEU B 88 -0.38 -12.16 1.24
N GLY B 89 0.43 -13.05 1.81
CA GLY B 89 0.24 -14.46 1.58
C GLY B 89 0.99 -15.05 0.40
N PHE B 90 2.23 -14.61 0.21
CA PHE B 90 3.06 -15.11 -0.89
C PHE B 90 4.42 -15.51 -0.38
N HIS B 91 4.96 -16.59 -0.91
CA HIS B 91 6.26 -17.05 -0.50
C HIS B 91 7.24 -17.00 -1.67
N TRP B 92 8.44 -16.52 -1.40
CA TRP B 92 9.45 -16.44 -2.43
C TRP B 92 10.26 -17.72 -2.55
N SER B 93 10.90 -17.88 -3.71
CA SER B 93 11.71 -19.05 -4.00
C SER B 93 13.09 -18.89 -3.36
N GLY B 94 13.50 -19.88 -2.57
CA GLY B 94 14.79 -19.83 -1.91
C GLY B 94 14.90 -18.66 -0.95
N ASN B 95 16.12 -18.21 -0.72
CA ASN B 95 16.38 -17.09 0.17
C ASN B 95 16.05 -15.76 -0.49
N VAL B 96 15.99 -14.70 0.32
CA VAL B 96 15.72 -13.36 -0.19
C VAL B 96 16.95 -12.99 -1.01
N ARG B 97 16.76 -12.55 -2.25
CA ARG B 97 17.91 -12.17 -3.09
C ARG B 97 18.19 -10.70 -2.96
N TYR B 98 19.44 -10.32 -3.23
CA TYR B 98 19.87 -8.93 -3.17
C TYR B 98 20.72 -8.63 -4.39
N SER B 99 20.52 -7.46 -4.99
CA SER B 99 21.32 -7.08 -6.16
C SER B 99 22.77 -7.04 -5.70
N SER B 100 22.99 -6.67 -4.44
CA SER B 100 24.33 -6.60 -3.90
C SER B 100 25.02 -7.94 -4.04
N ASP B 101 24.23 -9.02 -3.93
CA ASP B 101 24.74 -10.40 -4.03
C ASP B 101 25.49 -10.61 -5.33
N TYR B 102 25.23 -9.75 -6.32
CA TYR B 102 25.85 -9.86 -7.63
C TYR B 102 26.87 -8.78 -7.91
N PHE B 103 27.26 -8.03 -6.90
CA PHE B 103 28.23 -6.95 -7.08
C PHE B 103 29.55 -7.36 -7.70
N ASP B 104 30.17 -8.41 -7.18
CA ASP B 104 31.44 -8.89 -7.73
C ASP B 104 31.22 -9.37 -9.16
N GLN B 105 30.04 -9.94 -9.39
CA GLN B 105 29.63 -10.46 -10.70
C GLN B 105 29.47 -9.33 -11.70
N LEU B 106 28.75 -8.29 -11.29
CA LEU B 106 28.50 -7.13 -12.12
C LEU B 106 29.81 -6.48 -12.52
N HIS B 107 30.72 -6.39 -11.56
CA HIS B 107 32.04 -5.80 -11.76
C HIS B 107 32.81 -6.52 -12.86
N ALA B 108 32.78 -7.85 -12.80
CA ALA B 108 33.45 -8.70 -13.77
C ALA B 108 32.86 -8.50 -15.15
N TYR B 109 31.53 -8.36 -15.21
CA TYR B 109 30.84 -8.15 -16.47
C TYR B 109 31.17 -6.78 -17.07
N ALA B 110 31.37 -5.79 -16.21
CA ALA B 110 31.73 -4.47 -16.69
C ALA B 110 33.10 -4.59 -17.35
N ILE B 111 33.99 -5.34 -16.71
CA ILE B 111 35.34 -5.57 -17.22
C ILE B 111 35.31 -6.24 -18.59
N GLU B 112 34.35 -7.13 -18.79
CA GLU B 112 34.21 -7.81 -20.06
C GLU B 112 33.86 -6.79 -21.14
N LEU B 113 32.91 -5.92 -20.83
CA LEU B 113 32.49 -4.88 -21.76
C LEU B 113 33.68 -4.01 -22.13
N ILE B 114 34.51 -3.68 -21.14
CA ILE B 114 35.68 -2.88 -21.39
C ILE B 114 36.63 -3.57 -22.35
N ASN B 115 36.89 -4.85 -22.10
CA ASN B 115 37.79 -5.62 -22.98
C ASN B 115 37.20 -5.75 -24.37
N LYS B 116 35.89 -5.63 -24.45
CA LYS B 116 35.17 -5.74 -25.71
C LYS B 116 35.03 -4.37 -26.36
N GLY B 117 35.64 -3.36 -25.72
CA GLY B 117 35.59 -2.00 -26.21
C GLY B 117 34.20 -1.38 -26.15
N LEU B 118 33.31 -1.99 -25.38
CA LEU B 118 31.94 -1.52 -25.26
C LEU B 118 31.65 -0.72 -23.99
N ALA B 119 32.69 -0.29 -23.30
CA ALA B 119 32.53 0.50 -22.10
C ALA B 119 33.82 1.25 -21.87
N TYR B 120 33.72 2.47 -21.36
CA TYR B 120 34.91 3.29 -21.13
C TYR B 120 34.68 4.19 -19.93
N VAL B 121 35.77 4.67 -19.34
CA VAL B 121 35.69 5.56 -18.19
C VAL B 121 35.60 6.99 -18.72
N ASP B 122 34.56 7.71 -18.30
CA ASP B 122 34.32 9.06 -18.75
C ASP B 122 34.61 10.09 -17.66
N GLU B 123 35.30 11.17 -18.06
CA GLU B 123 35.68 12.28 -17.16
C GLU B 123 34.71 13.46 -17.26
N LEU B 124 33.72 13.36 -18.16
CA LEU B 124 32.73 14.42 -18.31
C LEU B 124 32.05 14.62 -16.94
N THR B 125 32.07 15.85 -16.42
CA THR B 125 31.45 16.14 -15.14
C THR B 125 29.95 15.82 -15.19
N PRO B 126 29.29 15.78 -14.01
CA PRO B 126 27.86 15.48 -13.97
C PRO B 126 27.03 16.48 -14.81
N GLU B 127 27.51 17.71 -14.93
CA GLU B 127 26.83 18.73 -15.72
C GLU B 127 27.12 18.47 -17.20
N GLN B 128 28.41 18.30 -17.51
CA GLN B 128 28.84 18.05 -18.88
C GLN B 128 28.15 16.88 -19.56
N ILE B 129 27.98 15.78 -18.85
CA ILE B 129 27.33 14.60 -19.42
C ILE B 129 25.96 14.92 -20.00
N ARG B 130 25.20 15.78 -19.32
CA ARG B 130 23.87 16.16 -19.79
C ARG B 130 23.98 17.03 -21.04
N GLU B 131 24.93 17.96 -21.02
CA GLU B 131 25.17 18.86 -22.14
C GLU B 131 25.56 18.07 -23.39
N TYR B 132 26.28 16.99 -23.21
CA TYR B 132 26.70 16.15 -24.32
C TYR B 132 25.60 15.17 -24.73
N ARG B 133 24.71 14.88 -23.80
CA ARG B 133 23.64 13.91 -24.03
C ARG B 133 22.67 14.21 -25.17
N GLY B 134 22.48 15.48 -25.50
CA GLY B 134 21.54 15.83 -26.55
C GLY B 134 20.17 16.08 -25.93
N THR B 135 19.16 16.27 -26.77
CA THR B 135 17.80 16.54 -26.29
C THR B 135 16.83 15.57 -26.91
N LEU B 136 15.54 15.75 -26.61
CA LEU B 136 14.50 14.89 -27.17
C LEU B 136 14.40 15.01 -28.68
N THR B 137 15.02 16.05 -29.25
CA THR B 137 14.98 16.26 -30.69
C THR B 137 16.34 16.46 -31.35
N GLN B 138 17.38 16.60 -30.55
CA GLN B 138 18.72 16.80 -31.08
C GLN B 138 19.65 15.69 -30.57
N PRO B 139 20.36 15.01 -31.48
CA PRO B 139 21.27 13.93 -31.10
C PRO B 139 22.37 14.44 -30.16
N GLY B 140 22.91 13.53 -29.36
CA GLY B 140 23.97 13.90 -28.44
C GLY B 140 25.32 13.85 -29.14
N LYS B 141 26.39 14.10 -28.39
CA LYS B 141 27.73 14.08 -28.97
C LYS B 141 28.70 13.24 -28.15
N ASN B 142 29.65 12.62 -28.84
CA ASN B 142 30.66 11.77 -28.21
C ASN B 142 31.56 12.53 -27.25
N SER B 143 31.87 11.90 -26.13
CA SER B 143 32.76 12.47 -25.12
C SER B 143 34.18 12.42 -25.68
N PRO B 144 35.04 13.36 -25.26
CA PRO B 144 36.42 13.35 -25.77
C PRO B 144 37.27 12.19 -25.19
N TYR B 145 36.71 11.49 -24.21
CA TYR B 145 37.37 10.38 -23.52
C TYR B 145 36.87 9.02 -24.03
N ARG B 146 35.91 9.05 -24.93
CA ARG B 146 35.30 7.85 -25.49
C ARG B 146 36.21 6.89 -26.27
N ASP B 147 37.39 7.35 -26.67
CA ASP B 147 38.30 6.50 -27.44
C ASP B 147 39.56 6.03 -26.74
N ARG B 148 39.52 6.03 -25.41
CA ARG B 148 40.65 5.58 -24.63
C ARG B 148 40.85 4.08 -24.91
N SER B 149 42.10 3.64 -24.86
CA SER B 149 42.43 2.23 -25.12
C SER B 149 41.82 1.33 -24.05
N VAL B 150 41.71 0.05 -24.37
CA VAL B 150 41.19 -0.93 -23.44
C VAL B 150 42.02 -0.93 -22.16
N GLU B 151 43.33 -0.77 -22.30
CA GLU B 151 44.25 -0.75 -21.17
C GLU B 151 43.99 0.45 -20.28
N GLU B 152 43.77 1.60 -20.90
CA GLU B 152 43.52 2.83 -20.16
C GLU B 152 42.27 2.70 -19.32
N ASN B 153 41.19 2.26 -19.96
CA ASN B 153 39.92 2.10 -19.26
C ASN B 153 40.01 1.11 -18.11
N LEU B 154 40.71 0.01 -18.36
CA LEU B 154 40.90 -1.04 -17.37
C LEU B 154 41.56 -0.44 -16.13
N ALA B 155 42.60 0.37 -16.35
CA ALA B 155 43.31 1.01 -15.26
C ALA B 155 42.43 2.02 -14.54
N LEU B 156 41.74 2.84 -15.33
CA LEU B 156 40.87 3.87 -14.79
C LEU B 156 39.70 3.29 -14.00
N PHE B 157 39.13 2.20 -14.48
CA PHE B 157 38.02 1.56 -13.78
C PHE B 157 38.50 1.04 -12.43
N GLU B 158 39.72 0.51 -12.42
CA GLU B 158 40.30 -0.01 -11.19
C GLU B 158 40.63 1.17 -10.30
N LYS B 159 41.02 2.27 -10.92
CA LYS B 159 41.35 3.49 -10.18
C LYS B 159 40.06 3.92 -9.48
N MET B 160 38.96 3.84 -10.20
CA MET B 160 37.64 4.18 -9.68
C MET B 160 37.27 3.26 -8.55
N ARG B 161 37.42 1.96 -8.79
CA ARG B 161 37.10 0.94 -7.80
C ARG B 161 37.96 1.14 -6.57
N ALA B 162 39.25 1.39 -6.79
CA ALA B 162 40.19 1.60 -5.70
C ALA B 162 39.92 2.90 -4.94
N GLY B 163 38.93 3.66 -5.39
CA GLY B 163 38.58 4.91 -4.74
C GLY B 163 39.55 6.05 -4.98
N GLY B 164 40.24 6.01 -6.12
CA GLY B 164 41.20 7.04 -6.47
C GLY B 164 40.58 8.34 -6.96
N PHE B 165 39.34 8.27 -7.43
CA PHE B 165 38.59 9.44 -7.92
C PHE B 165 37.57 9.86 -6.88
N GLU B 166 37.23 11.14 -6.86
CA GLU B 166 36.23 11.66 -5.93
C GLU B 166 34.85 11.43 -6.55
N GLU B 167 33.79 11.59 -5.77
CA GLU B 167 32.43 11.38 -6.29
C GLU B 167 32.13 12.29 -7.46
N GLY B 168 31.67 11.72 -8.57
CA GLY B 168 31.35 12.49 -9.76
C GLY B 168 32.52 12.83 -10.67
N LYS B 169 33.73 12.51 -10.22
CA LYS B 169 34.95 12.79 -10.98
C LYS B 169 35.18 11.87 -12.17
N ALA B 170 34.46 10.76 -12.21
CA ALA B 170 34.57 9.78 -13.30
C ALA B 170 33.45 8.75 -13.17
N CYS B 171 33.16 8.07 -14.27
CA CYS B 171 32.14 7.04 -14.28
C CYS B 171 32.40 6.08 -15.43
N LEU B 172 31.81 4.91 -15.35
CA LEU B 172 31.97 3.93 -16.41
C LEU B 172 30.71 4.01 -17.24
N ARG B 173 30.88 4.23 -18.54
CA ARG B 173 29.75 4.34 -19.44
C ARG B 173 29.86 3.31 -20.54
N ALA B 174 28.72 2.90 -21.05
CA ALA B 174 28.67 1.95 -22.13
C ALA B 174 28.91 2.73 -23.43
N LYS B 175 29.64 2.12 -24.35
CA LYS B 175 29.91 2.75 -25.63
C LYS B 175 28.88 2.23 -26.63
N ILE B 176 27.79 2.98 -26.81
CA ILE B 176 26.74 2.57 -27.74
C ILE B 176 26.54 3.57 -28.90
N ASP B 177 25.52 4.42 -28.81
CA ASP B 177 25.24 5.39 -29.86
C ASP B 177 24.69 6.71 -29.33
N MET B 178 25.51 7.75 -29.38
CA MET B 178 25.12 9.08 -28.90
C MET B 178 24.09 9.78 -29.80
N ALA B 179 23.82 9.18 -30.96
CA ALA B 179 22.85 9.72 -31.90
C ALA B 179 21.62 8.81 -32.01
N SER B 180 21.39 8.02 -30.96
CA SER B 180 20.25 7.10 -30.93
C SER B 180 18.98 7.81 -30.51
N PRO B 181 17.86 7.50 -31.18
CA PRO B 181 16.59 8.12 -30.83
C PRO B 181 16.23 7.79 -29.38
N PHE B 182 16.64 6.60 -28.92
CA PHE B 182 16.40 6.17 -27.54
C PHE B 182 17.43 6.91 -26.72
N ILE B 183 16.98 7.78 -25.82
CA ILE B 183 17.92 8.55 -25.01
C ILE B 183 18.68 7.68 -24.03
N VAL B 184 18.07 6.56 -23.67
CA VAL B 184 18.68 5.63 -22.75
C VAL B 184 19.95 4.99 -23.36
N MET B 185 19.97 4.81 -24.68
CA MET B 185 21.10 4.21 -25.38
C MET B 185 22.25 5.14 -25.70
N ARG B 186 22.18 6.38 -25.23
CA ARG B 186 23.24 7.33 -25.50
C ARG B 186 24.32 7.25 -24.44
N ASP B 187 25.15 6.21 -24.55
CA ASP B 187 26.25 5.95 -23.63
C ASP B 187 25.84 6.02 -22.16
N PRO B 188 24.89 5.16 -21.74
CA PRO B 188 24.41 5.12 -20.36
C PRO B 188 25.49 4.74 -19.35
N VAL B 189 25.42 5.39 -18.21
CA VAL B 189 26.37 5.15 -17.13
C VAL B 189 26.13 3.76 -16.57
N LEU B 190 27.21 3.01 -16.42
CA LEU B 190 27.15 1.67 -15.87
C LEU B 190 27.47 1.73 -14.38
N TYR B 191 28.46 2.54 -14.03
CA TYR B 191 28.90 2.70 -12.64
C TYR B 191 29.19 4.14 -12.28
N ARG B 192 28.91 4.48 -11.02
CA ARG B 192 29.17 5.81 -10.49
C ARG B 192 29.77 5.68 -9.09
N ILE B 193 30.60 6.64 -8.72
CA ILE B 193 31.29 6.65 -7.43
C ILE B 193 30.44 7.25 -6.30
N LYS B 194 30.27 6.45 -5.23
CA LYS B 194 29.51 6.85 -4.04
C LYS B 194 30.25 6.33 -2.81
N PHE B 195 30.90 7.22 -2.08
CA PHE B 195 31.61 6.80 -0.87
C PHE B 195 30.62 6.79 0.27
N ALA B 196 29.64 5.90 0.17
CA ALA B 196 28.62 5.77 1.19
C ALA B 196 28.52 4.30 1.59
N GLU B 197 28.31 4.07 2.88
CA GLU B 197 28.18 2.73 3.41
C GLU B 197 26.91 2.09 2.88
N HIS B 198 27.03 0.84 2.41
CA HIS B 198 25.90 0.10 1.88
C HIS B 198 25.32 -0.78 2.99
N HIS B 199 24.00 -0.84 3.08
CA HIS B 199 23.33 -1.62 4.13
C HIS B 199 23.58 -3.12 4.10
N GLN B 200 24.16 -3.62 3.01
CA GLN B 200 24.45 -5.04 2.90
C GLN B 200 25.94 -5.29 2.80
N THR B 201 26.63 -4.51 1.96
CA THR B 201 28.05 -4.70 1.75
C THR B 201 28.95 -3.78 2.56
N GLY B 202 28.35 -3.06 3.51
CA GLY B 202 29.12 -2.15 4.34
C GLY B 202 29.90 -1.15 3.50
N ASN B 203 31.18 -1.00 3.80
CA ASN B 203 32.04 -0.07 3.08
C ASN B 203 33.01 -0.80 2.17
N LYS B 204 32.61 -1.96 1.66
CA LYS B 204 33.46 -2.74 0.77
C LYS B 204 33.54 -2.07 -0.61
N TRP B 205 32.47 -1.38 -1.01
CA TRP B 205 32.43 -0.71 -2.31
C TRP B 205 32.29 0.82 -2.25
N CYS B 206 32.93 1.47 -3.20
CA CYS B 206 32.88 2.92 -3.34
C CYS B 206 32.27 3.24 -4.71
N ILE B 207 32.14 2.22 -5.56
CA ILE B 207 31.51 2.37 -6.88
C ILE B 207 30.31 1.44 -6.90
N TYR B 208 29.18 1.91 -7.43
CA TYR B 208 27.97 1.10 -7.50
C TYR B 208 27.39 1.05 -8.90
N PRO B 209 26.81 -0.09 -9.29
CA PRO B 209 26.22 -0.30 -10.62
C PRO B 209 24.86 0.39 -10.77
N MET B 210 24.56 0.81 -11.99
CA MET B 210 23.31 1.49 -12.27
C MET B 210 22.18 0.49 -12.50
N TYR B 211 20.95 0.94 -12.26
CA TYR B 211 19.78 0.08 -12.43
C TYR B 211 19.80 -0.74 -13.71
N ASP B 212 19.94 -0.08 -14.86
CA ASP B 212 19.91 -0.76 -16.15
C ASP B 212 20.99 -1.81 -16.38
N PHE B 213 22.16 -1.61 -15.78
CA PHE B 213 23.25 -2.58 -15.93
C PHE B 213 23.01 -3.76 -15.00
N THR B 214 22.53 -3.45 -13.79
CA THR B 214 22.26 -4.45 -12.76
C THR B 214 21.08 -5.37 -13.02
N HIS B 215 19.92 -4.75 -13.21
CA HIS B 215 18.67 -5.47 -13.39
C HIS B 215 18.58 -6.64 -14.37
N CYS B 216 19.14 -6.46 -15.55
CA CYS B 216 19.08 -7.53 -16.54
C CYS B 216 20.02 -8.67 -16.17
N ILE B 217 21.18 -8.33 -15.63
CA ILE B 217 22.14 -9.35 -15.24
C ILE B 217 21.64 -10.12 -14.00
N SER B 218 20.94 -9.41 -13.11
CA SER B 218 20.37 -10.04 -11.90
C SER B 218 19.35 -11.08 -12.34
N ASP B 219 18.48 -10.69 -13.26
CA ASP B 219 17.46 -11.57 -13.79
C ASP B 219 18.07 -12.78 -14.49
N ALA B 220 19.11 -12.54 -15.27
CA ALA B 220 19.77 -13.62 -16.00
C ALA B 220 20.38 -14.62 -15.03
N LEU B 221 21.14 -14.12 -14.07
CA LEU B 221 21.76 -14.99 -13.08
C LEU B 221 20.74 -15.83 -12.31
N GLU B 222 19.61 -15.21 -11.97
CA GLU B 222 18.55 -15.90 -11.24
C GLU B 222 17.73 -16.79 -12.14
N GLY B 223 17.98 -16.72 -13.44
CA GLY B 223 17.23 -17.53 -14.37
C GLY B 223 15.77 -17.15 -14.55
N ILE B 224 15.48 -15.85 -14.49
CA ILE B 224 14.12 -15.38 -14.67
C ILE B 224 13.72 -15.61 -16.13
N THR B 225 12.46 -16.01 -16.33
CA THR B 225 11.97 -16.26 -17.68
C THR B 225 11.23 -15.03 -18.20
N HIS B 226 10.44 -14.41 -17.31
CA HIS B 226 9.64 -13.24 -17.66
C HIS B 226 9.81 -12.15 -16.61
N SER B 227 10.53 -11.10 -16.97
CA SER B 227 10.75 -9.99 -16.07
C SER B 227 9.59 -9.03 -16.30
N LEU B 228 8.69 -8.95 -15.32
CA LEU B 228 7.49 -8.12 -15.38
C LEU B 228 7.63 -6.80 -14.63
N CYS B 229 7.58 -5.69 -15.37
CA CYS B 229 7.71 -4.36 -14.78
C CYS B 229 6.62 -3.44 -15.34
N THR B 230 6.64 -2.17 -14.94
CA THR B 230 5.65 -1.23 -15.41
C THR B 230 6.08 -0.53 -16.71
N LEU B 231 5.13 0.17 -17.32
CA LEU B 231 5.35 0.85 -18.59
C LEU B 231 6.58 1.77 -18.73
N GLU B 232 6.90 2.57 -17.71
CA GLU B 232 8.04 3.50 -17.80
C GLU B 232 9.40 2.89 -18.08
N PHE B 233 9.45 1.57 -18.24
CA PHE B 233 10.71 0.87 -18.51
C PHE B 233 10.76 0.32 -19.93
N GLN B 234 9.75 0.64 -20.73
CA GLN B 234 9.68 0.17 -22.11
C GLN B 234 10.90 0.62 -22.92
N ASP B 235 11.35 1.85 -22.70
CA ASP B 235 12.53 2.34 -23.40
C ASP B 235 13.74 1.57 -22.94
N ASN B 236 13.77 1.33 -21.63
CA ASN B 236 14.86 0.62 -20.95
C ASN B 236 15.12 -0.79 -21.46
N ARG B 237 14.10 -1.44 -22.00
CA ARG B 237 14.25 -2.78 -22.53
C ARG B 237 15.37 -2.82 -23.57
N ARG B 238 15.55 -1.71 -24.29
CA ARG B 238 16.59 -1.63 -25.31
C ARG B 238 17.98 -1.83 -24.75
N LEU B 239 18.21 -1.24 -23.56
CA LEU B 239 19.48 -1.34 -22.86
C LEU B 239 19.60 -2.69 -22.17
N TYR B 240 18.49 -3.16 -21.63
CA TYR B 240 18.36 -4.45 -20.95
C TYR B 240 18.89 -5.51 -21.91
N ASP B 241 18.33 -5.52 -23.12
CA ASP B 241 18.73 -6.47 -24.16
C ASP B 241 20.14 -6.23 -24.67
N TRP B 242 20.55 -4.97 -24.72
CA TRP B 242 21.88 -4.65 -25.20
C TRP B 242 22.91 -5.28 -24.26
N VAL B 243 22.75 -5.05 -22.97
CA VAL B 243 23.67 -5.57 -21.97
C VAL B 243 23.82 -7.09 -22.06
N LEU B 244 22.71 -7.81 -22.01
CA LEU B 244 22.75 -9.26 -22.08
C LEU B 244 23.31 -9.76 -23.40
N ASP B 245 22.96 -9.08 -24.49
CA ASP B 245 23.45 -9.46 -25.82
C ASP B 245 24.94 -9.24 -26.00
N ASN B 246 25.54 -8.49 -25.08
CA ASN B 246 26.96 -8.19 -25.21
C ASN B 246 27.88 -8.81 -24.15
N ILE B 247 27.32 -9.63 -23.29
CA ILE B 247 28.12 -10.30 -22.26
C ILE B 247 27.97 -11.80 -22.45
N THR B 248 28.85 -12.57 -21.84
CA THR B 248 28.77 -14.01 -21.94
C THR B 248 27.89 -14.50 -20.79
N ILE B 249 26.60 -14.64 -21.09
CA ILE B 249 25.62 -15.09 -20.12
C ILE B 249 24.71 -16.04 -20.91
N PRO B 250 24.49 -17.27 -20.37
CA PRO B 250 23.68 -18.33 -20.99
C PRO B 250 22.18 -18.15 -21.18
N VAL B 251 21.57 -17.21 -20.48
CA VAL B 251 20.13 -17.02 -20.64
C VAL B 251 19.79 -15.58 -20.96
N HIS B 252 18.60 -15.37 -21.53
CA HIS B 252 18.15 -14.04 -21.89
C HIS B 252 16.67 -13.89 -21.53
N PRO B 253 16.38 -13.41 -20.32
CA PRO B 253 15.01 -13.21 -19.85
C PRO B 253 14.36 -12.10 -20.68
N ARG B 254 13.06 -12.19 -20.89
CA ARG B 254 12.35 -11.18 -21.66
C ARG B 254 11.47 -10.29 -20.80
N GLN B 255 11.65 -8.98 -20.97
CA GLN B 255 10.89 -8.00 -20.19
C GLN B 255 9.55 -7.64 -20.82
N TYR B 256 8.54 -7.56 -19.97
CA TYR B 256 7.19 -7.23 -20.43
C TYR B 256 6.66 -6.17 -19.49
N GLU B 257 6.03 -5.15 -20.06
CA GLU B 257 5.53 -4.03 -19.26
C GLU B 257 4.02 -3.90 -19.18
N PHE B 258 3.54 -3.64 -17.98
CA PHE B 258 2.11 -3.46 -17.74
C PHE B 258 1.93 -2.11 -17.07
N SER B 259 0.76 -1.52 -17.24
CA SER B 259 0.51 -0.20 -16.65
C SER B 259 0.43 -0.23 -15.14
N ARG B 260 0.94 0.82 -14.52
CA ARG B 260 0.92 0.94 -13.06
C ARG B 260 -0.44 1.36 -12.55
N LEU B 261 -0.65 1.13 -11.26
CA LEU B 261 -1.91 1.47 -10.61
C LEU B 261 -1.91 2.89 -10.07
N ASN B 262 -3.06 3.53 -10.18
CA ASN B 262 -3.24 4.87 -9.65
C ASN B 262 -4.59 4.86 -8.95
N LEU B 263 -4.61 5.38 -7.73
CA LEU B 263 -5.84 5.42 -6.96
C LEU B 263 -6.31 6.85 -6.76
N GLU B 264 -7.61 7.02 -6.97
CA GLU B 264 -8.28 8.30 -6.85
C GLU B 264 -8.14 8.82 -5.42
N TYR B 265 -7.84 10.11 -5.29
CA TYR B 265 -7.68 10.79 -4.01
C TYR B 265 -6.40 10.53 -3.23
N THR B 266 -5.49 9.76 -3.80
CA THR B 266 -4.24 9.48 -3.11
C THR B 266 -3.08 9.49 -4.11
N VAL B 267 -1.87 9.70 -3.60
CA VAL B 267 -0.66 9.71 -4.43
C VAL B 267 -0.03 8.32 -4.36
N MET B 268 0.60 7.89 -5.45
CA MET B 268 1.21 6.57 -5.50
C MET B 268 2.73 6.48 -5.74
N SER B 269 3.49 7.47 -5.30
CA SER B 269 4.94 7.46 -5.49
C SER B 269 5.62 7.47 -4.13
N LYS B 270 6.66 6.66 -3.99
CA LYS B 270 7.37 6.59 -2.73
C LYS B 270 7.88 7.98 -2.39
N ARG B 271 8.23 8.74 -3.43
CA ARG B 271 8.72 10.11 -3.27
C ARG B 271 7.72 11.00 -2.56
N LYS B 272 6.46 10.97 -3.01
CA LYS B 272 5.43 11.79 -2.38
C LYS B 272 5.04 11.25 -1.02
N LEU B 273 4.85 9.94 -0.95
CA LEU B 273 4.48 9.29 0.30
C LEU B 273 5.54 9.53 1.38
N ASN B 274 6.80 9.56 0.98
CA ASN B 274 7.89 9.78 1.91
C ASN B 274 7.83 11.22 2.44
N LEU B 275 7.37 12.14 1.60
CA LEU B 275 7.28 13.54 2.00
C LEU B 275 6.21 13.75 3.07
N LEU B 276 5.13 12.97 2.98
CA LEU B 276 4.04 13.05 3.96
C LEU B 276 4.54 12.59 5.33
N VAL B 277 5.41 11.58 5.32
CA VAL B 277 6.00 11.01 6.52
C VAL B 277 7.06 11.93 7.11
N THR B 278 7.97 12.37 6.25
CA THR B 278 9.06 13.25 6.66
C THR B 278 8.58 14.58 7.24
N ASP B 279 7.51 15.13 6.68
CA ASP B 279 6.95 16.38 7.13
C ASP B 279 5.93 16.21 8.24
N LYS B 280 5.76 14.96 8.68
CA LYS B 280 4.84 14.62 9.76
C LYS B 280 3.39 15.01 9.54
N HIS B 281 2.93 14.93 8.28
CA HIS B 281 1.54 15.25 7.96
C HIS B 281 0.66 14.03 8.22
N VAL B 282 1.32 12.88 8.40
CA VAL B 282 0.68 11.60 8.73
C VAL B 282 1.53 10.99 9.85
N GLU B 283 0.93 10.14 10.67
CA GLU B 283 1.65 9.51 11.79
C GLU B 283 2.95 8.84 11.32
N GLY B 284 2.88 8.14 10.20
CA GLY B 284 4.05 7.47 9.64
C GLY B 284 3.68 6.67 8.41
N TRP B 285 4.63 5.90 7.86
CA TRP B 285 4.38 5.08 6.67
C TRP B 285 3.16 4.17 6.85
N ASP B 286 2.98 3.65 8.07
CA ASP B 286 1.87 2.76 8.38
C ASP B 286 0.58 3.45 8.82
N ASP B 287 0.52 4.77 8.65
CA ASP B 287 -0.67 5.54 9.01
C ASP B 287 -1.88 4.97 8.23
N PRO B 288 -3.04 4.82 8.91
CA PRO B 288 -4.25 4.28 8.30
C PRO B 288 -4.81 5.06 7.09
N ARG B 289 -4.28 6.24 6.82
CA ARG B 289 -4.75 7.03 5.66
C ARG B 289 -3.86 6.75 4.45
N MET B 290 -2.66 6.27 4.73
CA MET B 290 -1.68 5.94 3.70
C MET B 290 -2.12 4.77 2.84
N PRO B 291 -1.86 4.86 1.52
CA PRO B 291 -2.21 3.81 0.57
C PRO B 291 -1.16 2.70 0.59
N THR B 292 -0.34 2.69 1.64
CA THR B 292 0.70 1.69 1.82
C THR B 292 0.08 0.38 2.30
N ILE B 293 0.78 -0.73 2.09
CA ILE B 293 0.27 -2.04 2.52
C ILE B 293 0.12 -2.05 4.04
N SER B 294 1.20 -1.67 4.73
CA SER B 294 1.20 -1.63 6.18
C SER B 294 0.13 -0.68 6.70
N GLY B 295 -0.09 0.40 5.97
CA GLY B 295 -1.10 1.39 6.33
C GLY B 295 -2.49 0.82 6.16
N LEU B 296 -2.71 0.15 5.04
CA LEU B 296 -4.00 -0.48 4.76
C LEU B 296 -4.23 -1.58 5.80
N ARG B 297 -3.13 -2.25 6.19
CA ARG B 297 -3.17 -3.32 7.19
C ARG B 297 -3.64 -2.75 8.52
N ARG B 298 -2.97 -1.69 8.97
CA ARG B 298 -3.31 -1.05 10.23
C ARG B 298 -4.70 -0.43 10.16
N ARG B 299 -5.13 -0.10 8.93
CA ARG B 299 -6.45 0.49 8.67
C ARG B 299 -7.56 -0.53 8.85
N GLY B 300 -7.21 -1.81 8.73
CA GLY B 300 -8.19 -2.88 8.90
C GLY B 300 -8.44 -3.71 7.65
N TYR B 301 -7.72 -3.42 6.57
CA TYR B 301 -7.87 -4.16 5.33
C TYR B 301 -7.26 -5.56 5.45
N THR B 302 -7.95 -6.55 4.88
CA THR B 302 -7.46 -7.93 4.91
C THR B 302 -6.58 -8.19 3.70
N ALA B 303 -5.58 -9.04 3.85
CA ALA B 303 -4.69 -9.38 2.73
C ALA B 303 -5.54 -9.91 1.57
N ALA B 304 -6.59 -10.64 1.92
CA ALA B 304 -7.49 -11.22 0.93
C ALA B 304 -8.19 -10.16 0.13
N SER B 305 -8.74 -9.15 0.80
CA SER B 305 -9.45 -8.07 0.12
C SER B 305 -8.53 -7.39 -0.88
N ILE B 306 -7.27 -7.22 -0.51
CA ILE B 306 -6.28 -6.60 -1.38
C ILE B 306 -5.99 -7.47 -2.61
N ARG B 307 -5.86 -8.78 -2.42
CA ARG B 307 -5.61 -9.67 -3.55
C ARG B 307 -6.80 -9.68 -4.51
N GLU B 308 -7.98 -9.43 -3.97
CA GLU B 308 -9.21 -9.39 -4.76
C GLU B 308 -9.21 -8.12 -5.59
N PHE B 309 -8.75 -7.04 -4.98
CA PHE B 309 -8.68 -5.75 -5.64
C PHE B 309 -7.77 -5.86 -6.86
N CYS B 310 -6.60 -6.45 -6.64
CA CYS B 310 -5.63 -6.64 -7.70
C CYS B 310 -6.25 -7.50 -8.80
N LYS B 311 -7.00 -8.52 -8.38
CA LYS B 311 -7.67 -9.42 -9.29
C LYS B 311 -8.67 -8.64 -10.15
N ARG B 312 -9.47 -7.80 -9.50
CA ARG B 312 -10.48 -6.99 -10.17
C ARG B 312 -9.96 -5.90 -11.10
N ILE B 313 -8.94 -5.17 -10.67
CA ILE B 313 -8.39 -4.10 -11.49
C ILE B 313 -7.77 -4.57 -12.81
N GLY B 314 -7.28 -5.81 -12.83
CA GLY B 314 -6.69 -6.35 -14.03
C GLY B 314 -5.24 -5.99 -14.32
N VAL B 315 -4.73 -6.49 -15.43
CA VAL B 315 -3.35 -6.26 -15.85
C VAL B 315 -3.37 -5.99 -17.34
N THR B 316 -3.15 -4.73 -17.72
CA THR B 316 -3.13 -4.31 -19.13
C THR B 316 -2.03 -3.28 -19.36
N LYS B 317 -2.07 -2.64 -20.52
CA LYS B 317 -1.10 -1.60 -20.84
C LYS B 317 -1.73 -0.22 -20.89
N GLN B 318 -3.02 -0.15 -20.56
CA GLN B 318 -3.74 1.11 -20.56
C GLN B 318 -3.52 1.85 -19.24
N ASP B 319 -3.26 3.15 -19.32
CA ASP B 319 -3.07 3.96 -18.11
C ASP B 319 -4.42 3.93 -17.40
N ASN B 320 -4.42 4.04 -16.08
CA ASN B 320 -5.69 3.97 -15.38
C ASN B 320 -5.68 4.60 -14.00
N THR B 321 -6.87 4.94 -13.54
CA THR B 321 -7.04 5.51 -12.22
C THR B 321 -8.31 4.86 -11.66
N ILE B 322 -8.11 3.99 -10.68
CA ILE B 322 -9.21 3.29 -10.04
C ILE B 322 -9.89 4.20 -9.01
N GLU B 323 -11.20 4.08 -8.92
CA GLU B 323 -11.98 4.86 -7.97
C GLU B 323 -11.94 4.24 -6.58
N MET B 324 -12.06 5.06 -5.55
CA MET B 324 -12.04 4.57 -4.17
C MET B 324 -13.11 3.52 -3.91
N ALA B 325 -14.26 3.65 -4.59
CA ALA B 325 -15.37 2.73 -4.41
C ALA B 325 -15.05 1.27 -4.75
N SER B 326 -14.06 1.06 -5.61
CA SER B 326 -13.67 -0.29 -6.01
C SER B 326 -12.93 -1.02 -4.89
N LEU B 327 -12.00 -0.32 -4.24
CA LEU B 327 -11.23 -0.88 -3.13
C LEU B 327 -12.19 -1.13 -1.96
N GLU B 328 -13.06 -0.15 -1.73
CA GLU B 328 -14.04 -0.22 -0.66
C GLU B 328 -14.96 -1.42 -0.83
N SER B 329 -15.34 -1.70 -2.07
CA SER B 329 -16.22 -2.83 -2.35
C SER B 329 -15.56 -4.15 -1.94
N CYS B 330 -14.26 -4.26 -2.21
CA CYS B 330 -13.51 -5.47 -1.88
C CYS B 330 -13.49 -5.77 -0.38
N ILE B 331 -13.10 -4.79 0.42
CA ILE B 331 -13.05 -4.98 1.86
C ILE B 331 -14.44 -5.12 2.46
N ARG B 332 -15.43 -4.50 1.83
CA ARG B 332 -16.82 -4.60 2.32
C ARG B 332 -17.32 -6.01 2.10
N GLU B 333 -17.06 -6.55 0.91
CA GLU B 333 -17.48 -7.90 0.56
C GLU B 333 -16.95 -8.91 1.58
N ASP B 334 -15.65 -8.86 1.83
CA ASP B 334 -15.01 -9.76 2.78
C ASP B 334 -15.61 -9.62 4.16
N LEU B 335 -15.40 -8.45 4.76
CA LEU B 335 -15.90 -8.16 6.10
C LEU B 335 -17.38 -8.36 6.32
N ASN B 336 -18.20 -8.03 5.31
CA ASN B 336 -19.65 -8.21 5.43
C ASN B 336 -19.97 -9.69 5.71
N GLU B 337 -19.19 -10.56 5.08
CA GLU B 337 -19.36 -11.99 5.21
C GLU B 337 -18.76 -12.61 6.47
N ASN B 338 -17.66 -12.03 6.97
CA ASN B 338 -16.98 -12.59 8.13
C ASN B 338 -17.00 -11.83 9.45
N ALA B 339 -16.94 -10.50 9.39
CA ALA B 339 -16.93 -9.68 10.60
C ALA B 339 -18.22 -9.73 11.41
N PRO B 340 -18.12 -10.14 12.69
CA PRO B 340 -19.26 -10.23 13.60
C PRO B 340 -19.76 -8.83 13.99
N ARG B 341 -21.08 -8.68 13.99
CA ARG B 341 -21.71 -7.40 14.30
C ARG B 341 -21.66 -7.06 15.79
N ALA B 342 -21.87 -5.77 16.09
CA ALA B 342 -21.84 -5.28 17.47
C ALA B 342 -22.54 -3.93 17.67
N MET B 343 -22.38 -3.35 18.86
CA MET B 343 -22.99 -2.07 19.19
C MET B 343 -21.94 -1.05 19.64
N ALA B 344 -22.03 0.14 19.09
CA ALA B 344 -21.12 1.22 19.42
C ALA B 344 -21.77 2.54 19.03
N VAL B 345 -21.53 3.57 19.84
CA VAL B 345 -22.10 4.88 19.58
C VAL B 345 -21.01 5.94 19.41
N ILE B 346 -21.01 6.60 18.26
CA ILE B 346 -20.02 7.64 17.95
C ILE B 346 -20.38 8.99 18.61
N ASP B 347 -21.60 9.46 18.39
CA ASP B 347 -22.07 10.71 19.00
C ASP B 347 -23.13 10.39 20.04
N PRO B 348 -22.70 10.09 21.27
CA PRO B 348 -23.62 9.75 22.35
C PRO B 348 -24.40 10.88 23.02
N VAL B 349 -25.67 10.59 23.27
CA VAL B 349 -26.57 11.49 23.96
C VAL B 349 -27.40 10.54 24.82
N LYS B 350 -27.44 10.81 26.12
CA LYS B 350 -28.17 9.93 27.01
C LYS B 350 -29.67 9.88 26.78
N LEU B 351 -30.20 8.67 26.75
CA LEU B 351 -31.63 8.44 26.56
C LEU B 351 -32.10 7.55 27.71
N VAL B 352 -32.63 8.19 28.75
CA VAL B 352 -33.11 7.47 29.92
C VAL B 352 -34.58 7.10 29.83
N ILE B 353 -34.86 5.80 29.90
CA ILE B 353 -36.22 5.30 29.86
C ILE B 353 -36.77 5.44 31.29
N GLU B 354 -37.71 6.38 31.47
CA GLU B 354 -38.31 6.64 32.77
C GLU B 354 -39.31 5.54 33.16
N ASN B 355 -39.71 4.77 32.16
CA ASN B 355 -40.65 3.67 32.32
C ASN B 355 -39.99 2.36 32.78
N TYR B 356 -38.68 2.40 32.99
CA TYR B 356 -37.91 1.22 33.38
C TYR B 356 -37.65 1.05 34.88
N GLN B 357 -38.01 -0.12 35.40
CA GLN B 357 -37.78 -0.42 36.82
C GLN B 357 -36.63 -1.42 36.96
N GLY B 358 -35.82 -1.25 38.01
CA GLY B 358 -34.70 -2.16 38.25
C GLY B 358 -33.33 -1.62 37.89
N GLU B 359 -32.35 -2.53 37.80
CA GLU B 359 -30.98 -2.18 37.48
C GLU B 359 -30.56 -2.57 36.06
N GLY B 360 -31.23 -3.57 35.51
CA GLY B 360 -30.89 -4.00 34.15
C GLY B 360 -31.19 -5.45 33.89
N GLU B 361 -31.01 -5.86 32.64
CA GLU B 361 -31.26 -7.23 32.20
C GLU B 361 -30.26 -7.58 31.10
N MET B 362 -30.42 -8.76 30.50
CA MET B 362 -29.50 -9.21 29.45
C MET B 362 -30.28 -9.67 28.22
N VAL B 363 -30.00 -9.07 27.06
CA VAL B 363 -30.70 -9.44 25.84
C VAL B 363 -29.83 -10.29 24.89
N THR B 364 -30.48 -11.03 24.00
CA THR B 364 -29.80 -11.89 23.03
C THR B 364 -29.56 -11.17 21.72
N MET B 365 -28.33 -11.26 21.23
CA MET B 365 -27.96 -10.62 19.96
C MET B 365 -27.13 -11.54 19.07
N PRO B 366 -27.56 -11.74 17.81
CA PRO B 366 -26.84 -12.60 16.85
C PRO B 366 -25.48 -12.02 16.52
N ASN B 367 -24.46 -12.88 16.45
CA ASN B 367 -23.13 -12.42 16.10
C ASN B 367 -23.09 -12.11 14.61
N HIS B 368 -24.18 -12.49 13.94
CA HIS B 368 -24.37 -12.23 12.52
C HIS B 368 -25.83 -12.55 12.25
N PRO B 369 -26.60 -11.53 11.86
CA PRO B 369 -28.02 -11.63 11.55
C PRO B 369 -28.33 -12.60 10.41
N ASN B 370 -27.49 -12.60 9.38
CA ASN B 370 -27.71 -13.48 8.24
C ASN B 370 -26.95 -14.80 8.37
N LYS B 371 -26.24 -14.97 9.48
CA LYS B 371 -25.47 -16.18 9.72
C LYS B 371 -25.54 -16.61 11.18
N PRO B 372 -26.64 -17.30 11.55
CA PRO B 372 -26.89 -17.80 12.92
C PRO B 372 -25.84 -18.81 13.39
N GLU B 373 -25.09 -19.38 12.45
CA GLU B 373 -24.06 -20.36 12.78
C GLU B 373 -22.87 -19.69 13.47
N MET B 374 -22.81 -18.37 13.39
CA MET B 374 -21.73 -17.63 14.03
C MET B 374 -22.02 -17.45 15.52
N GLY B 375 -23.24 -17.79 15.92
CA GLY B 375 -23.63 -17.71 17.32
C GLY B 375 -24.34 -16.44 17.76
N SER B 376 -24.51 -16.33 19.08
CA SER B 376 -25.18 -15.20 19.72
C SER B 376 -24.47 -14.86 21.03
N ARG B 377 -24.65 -13.62 21.48
CA ARG B 377 -24.04 -13.14 22.72
C ARG B 377 -25.10 -12.54 23.64
N GLN B 378 -24.74 -12.31 24.90
CA GLN B 378 -25.66 -11.75 25.88
C GLN B 378 -25.27 -10.31 26.25
N VAL B 379 -25.94 -9.35 25.62
CA VAL B 379 -25.65 -7.93 25.87
C VAL B 379 -26.63 -7.27 26.85
N PRO B 380 -26.09 -6.59 27.88
CA PRO B 380 -26.87 -5.89 28.91
C PRO B 380 -27.71 -4.69 28.48
N PHE B 381 -28.97 -4.69 28.93
CA PHE B 381 -29.93 -3.64 28.65
C PHE B 381 -30.29 -2.92 29.95
N SER B 382 -30.72 -1.65 29.86
CA SER B 382 -31.09 -0.89 31.05
C SER B 382 -31.97 0.32 30.75
N GLY B 383 -32.24 1.09 31.80
CA GLY B 383 -33.06 2.29 31.69
C GLY B 383 -32.25 3.48 31.22
N GLU B 384 -30.95 3.44 31.46
CA GLU B 384 -30.05 4.50 31.03
C GLU B 384 -29.14 3.96 29.94
N ILE B 385 -29.45 4.31 28.69
CA ILE B 385 -28.66 3.87 27.54
C ILE B 385 -28.07 5.03 26.77
N TRP B 386 -27.22 4.70 25.79
CA TRP B 386 -26.58 5.68 24.93
C TRP B 386 -27.06 5.43 23.51
N ILE B 387 -27.30 6.52 22.77
CA ILE B 387 -27.72 6.41 21.37
C ILE B 387 -26.97 7.47 20.56
N ASP B 388 -26.97 7.32 19.23
CA ASP B 388 -26.31 8.28 18.37
C ASP B 388 -27.21 9.51 18.17
N ARG B 389 -26.62 10.69 18.31
CA ARG B 389 -27.33 11.97 18.15
C ARG B 389 -28.01 12.10 16.78
N ALA B 390 -27.50 11.35 15.80
CA ALA B 390 -28.06 11.36 14.46
C ALA B 390 -29.31 10.51 14.38
N ASP B 391 -29.60 9.77 15.44
CA ASP B 391 -30.76 8.90 15.51
C ASP B 391 -32.01 9.61 16.04
N PHE B 392 -31.80 10.58 16.93
CA PHE B 392 -32.91 11.35 17.49
C PHE B 392 -33.13 12.67 16.77
N ARG B 393 -34.38 12.97 16.47
CA ARG B 393 -34.74 14.20 15.79
C ARG B 393 -36.18 14.52 16.13
N GLU B 394 -36.41 15.76 16.59
CA GLU B 394 -37.76 16.21 16.95
C GLU B 394 -38.51 16.60 15.69
N GLU B 395 -37.86 16.53 14.52
CA GLU B 395 -38.51 16.96 13.30
C GLU B 395 -38.40 16.20 11.98
N ALA B 396 -39.40 16.48 11.13
CA ALA B 396 -39.54 16.05 9.74
C ALA B 396 -39.61 14.65 9.14
N ASN B 397 -39.59 14.70 7.80
CA ASN B 397 -39.64 13.65 6.77
C ASN B 397 -40.10 12.24 7.10
N LYS B 398 -41.15 11.85 6.40
CA LYS B 398 -41.74 10.54 6.51
C LYS B 398 -40.74 9.41 6.23
N GLN B 399 -39.67 9.73 5.50
CA GLN B 399 -38.62 8.78 5.17
C GLN B 399 -37.73 8.47 6.39
N TYR B 400 -37.52 9.49 7.21
CA TYR B 400 -36.72 9.39 8.42
C TYR B 400 -37.28 8.26 9.29
N LYS B 401 -36.61 7.12 9.28
CA LYS B 401 -37.05 5.95 10.04
C LYS B 401 -36.60 5.90 11.51
N ARG B 402 -35.69 6.80 11.88
CA ARG B 402 -35.18 6.82 13.26
C ARG B 402 -36.09 7.54 14.26
N LEU B 403 -35.63 7.63 15.51
CA LEU B 403 -36.40 8.24 16.60
C LEU B 403 -36.85 9.68 16.44
N VAL B 404 -38.17 9.87 16.44
CA VAL B 404 -38.81 11.19 16.30
C VAL B 404 -39.41 11.58 17.67
N LEU B 405 -39.50 12.88 17.96
CA LEU B 405 -40.05 13.36 19.24
C LEU B 405 -41.50 12.93 19.55
N GLY B 406 -42.20 12.43 18.55
CA GLY B 406 -43.57 12.00 18.76
C GLY B 406 -43.83 10.61 18.23
N LYS B 407 -42.77 9.85 18.03
CA LYS B 407 -42.90 8.49 17.51
C LYS B 407 -42.08 7.47 18.32
N GLU B 408 -42.16 6.21 17.90
CA GLU B 408 -41.45 5.11 18.53
C GLU B 408 -40.48 4.46 17.55
N VAL B 409 -39.41 3.85 18.08
CA VAL B 409 -38.41 3.18 17.25
C VAL B 409 -37.87 1.93 17.92
N ARG B 410 -37.70 0.88 17.12
CA ARG B 410 -37.18 -0.39 17.60
C ARG B 410 -35.68 -0.34 17.87
N LEU B 411 -35.30 -0.67 19.10
CA LEU B 411 -33.89 -0.72 19.47
C LEU B 411 -33.40 -2.07 18.98
N ARG B 412 -32.22 -2.08 18.37
CA ARG B 412 -31.64 -3.30 17.82
C ARG B 412 -31.63 -4.48 18.80
N ASN B 413 -32.37 -5.53 18.43
CA ASN B 413 -32.51 -6.77 19.23
C ASN B 413 -33.09 -6.54 20.63
N ALA B 414 -33.81 -5.44 20.79
CA ALA B 414 -34.40 -5.09 22.08
C ALA B 414 -35.85 -4.58 21.98
N TYR B 415 -36.24 -3.77 22.96
CA TYR B 415 -37.59 -3.22 23.06
C TYR B 415 -37.82 -2.00 22.17
N VAL B 416 -39.10 -1.59 22.08
CA VAL B 416 -39.49 -0.43 21.29
C VAL B 416 -39.69 0.78 22.19
N ILE B 417 -38.79 1.75 22.10
CA ILE B 417 -38.89 2.97 22.91
C ILE B 417 -39.85 3.97 22.27
N LYS B 418 -40.00 5.12 22.93
CA LYS B 418 -40.87 6.19 22.44
C LYS B 418 -40.56 7.47 23.22
N ALA B 419 -39.86 8.39 22.57
CA ALA B 419 -39.49 9.68 23.18
C ALA B 419 -40.75 10.50 23.39
N GLU B 420 -40.85 11.12 24.57
CA GLU B 420 -42.00 11.94 24.90
C GLU B 420 -41.57 13.24 25.54
N ARG B 421 -40.28 13.32 25.88
CA ARG B 421 -39.76 14.51 26.52
C ARG B 421 -38.26 14.59 26.26
N VAL B 422 -37.79 15.79 25.94
CA VAL B 422 -36.37 16.02 25.68
C VAL B 422 -35.85 17.11 26.64
N GLU B 423 -34.53 17.20 26.77
CA GLU B 423 -33.93 18.18 27.68
C GLU B 423 -32.72 18.82 27.02
N LYS B 424 -32.86 20.10 26.66
CA LYS B 424 -31.77 20.85 26.03
C LYS B 424 -30.95 21.65 27.05
N ASP B 425 -30.17 22.62 26.56
CA ASP B 425 -29.34 23.44 27.46
C ASP B 425 -29.34 24.94 27.04
N ALA B 426 -28.36 25.68 27.56
CA ALA B 426 -28.20 27.11 27.29
C ALA B 426 -27.92 27.43 25.81
N GLU B 427 -27.15 26.60 25.13
CA GLU B 427 -26.88 26.83 23.72
C GLU B 427 -27.94 26.09 22.89
N GLY B 428 -28.84 25.41 23.57
CA GLY B 428 -29.89 24.68 22.89
C GLY B 428 -29.63 23.20 22.62
N ASN B 429 -28.41 22.76 22.89
CA ASN B 429 -28.00 21.36 22.73
C ASN B 429 -28.70 20.39 23.71
N ILE B 430 -29.22 19.30 23.16
CA ILE B 430 -29.90 18.28 23.95
C ILE B 430 -28.88 17.48 24.79
N THR B 431 -29.20 17.29 26.06
CA THR B 431 -28.32 16.53 26.95
C THR B 431 -28.87 15.12 27.15
N THR B 432 -30.19 14.99 27.18
CA THR B 432 -30.83 13.70 27.39
C THR B 432 -32.26 13.61 26.83
N ILE B 433 -32.62 12.43 26.34
CA ILE B 433 -33.94 12.17 25.77
C ILE B 433 -34.69 11.14 26.62
N PHE B 434 -35.72 11.63 27.33
CA PHE B 434 -36.56 10.77 28.19
C PHE B 434 -37.59 10.02 27.36
N CYS B 435 -37.57 8.70 27.46
CA CYS B 435 -38.49 7.85 26.70
C CYS B 435 -39.24 6.84 27.56
N THR B 436 -40.00 5.96 26.89
CA THR B 436 -40.78 4.91 27.54
C THR B 436 -40.76 3.64 26.68
N TYR B 437 -40.40 2.52 27.32
CA TYR B 437 -40.31 1.23 26.63
C TYR B 437 -41.58 0.38 26.78
N ASP B 438 -41.84 -0.49 25.80
CA ASP B 438 -42.99 -1.38 25.85
C ASP B 438 -42.61 -2.63 26.62
N ALA B 439 -43.55 -3.13 27.42
CA ALA B 439 -43.35 -4.32 28.25
C ALA B 439 -42.75 -5.48 27.47
N ASP B 440 -43.40 -5.87 26.38
CA ASP B 440 -42.91 -6.97 25.56
C ASP B 440 -43.01 -6.63 24.09
N THR B 441 -41.88 -6.26 23.51
CA THR B 441 -41.78 -5.91 22.10
C THR B 441 -40.44 -6.38 21.55
N LEU B 442 -40.18 -7.67 21.74
CA LEU B 442 -38.94 -8.27 21.27
C LEU B 442 -39.19 -9.70 20.80
N GLY B 454 -38.54 1.62 11.95
CA GLY B 454 -37.11 2.08 12.06
C GLY B 454 -36.33 1.47 13.22
N VAL B 455 -35.09 1.08 12.94
CA VAL B 455 -34.20 0.47 13.94
C VAL B 455 -32.96 1.32 14.23
N ILE B 456 -32.52 1.32 15.49
CA ILE B 456 -31.33 2.07 15.88
C ILE B 456 -30.48 1.29 16.89
N HIS B 457 -29.17 1.50 16.84
CA HIS B 457 -28.25 0.82 17.75
C HIS B 457 -28.14 1.62 19.05
N TRP B 458 -27.59 0.99 20.09
CA TRP B 458 -27.46 1.61 21.41
C TRP B 458 -26.46 0.89 22.32
N VAL B 459 -26.15 1.50 23.46
CA VAL B 459 -25.22 0.93 24.46
C VAL B 459 -25.68 1.32 25.89
N SER B 460 -25.77 0.33 26.78
CA SER B 460 -26.17 0.59 28.17
C SER B 460 -25.13 1.47 28.87
N ALA B 461 -25.58 2.63 29.35
CA ALA B 461 -24.70 3.59 30.02
C ALA B 461 -23.92 2.97 31.18
N ALA B 462 -24.61 2.10 31.93
CA ALA B 462 -23.99 1.43 33.07
C ALA B 462 -22.90 0.47 32.57
N HIS B 463 -23.27 -0.41 31.65
CA HIS B 463 -22.34 -1.37 31.07
C HIS B 463 -21.79 -0.83 29.77
N ALA B 464 -21.10 0.31 29.86
CA ALA B 464 -20.53 0.94 28.67
C ALA B 464 -19.01 1.02 28.74
N LEU B 465 -18.37 0.68 27.62
CA LEU B 465 -16.91 0.71 27.53
C LEU B 465 -16.43 2.00 26.86
N PRO B 466 -15.64 2.81 27.58
CA PRO B 466 -15.10 4.06 27.04
C PRO B 466 -14.19 3.74 25.86
N VAL B 467 -14.66 4.07 24.65
CA VAL B 467 -13.92 3.78 23.43
C VAL B 467 -13.59 5.00 22.60
N GLU B 468 -12.35 5.06 22.12
CA GLU B 468 -11.94 6.15 21.24
C GLU B 468 -12.16 5.64 19.83
N ILE B 469 -12.95 6.38 19.06
CA ILE B 469 -13.24 5.99 17.68
C ILE B 469 -12.59 6.97 16.71
N ARG B 470 -11.80 6.42 15.79
CA ARG B 470 -11.12 7.21 14.78
C ARG B 470 -11.76 7.03 13.41
N LEU B 471 -12.37 8.10 12.91
CA LEU B 471 -13.04 8.09 11.61
C LEU B 471 -12.09 8.66 10.55
N TYR B 472 -11.72 7.81 9.61
CA TYR B 472 -10.82 8.22 8.54
C TYR B 472 -11.56 8.58 7.27
N ASP B 473 -10.88 9.31 6.39
CA ASP B 473 -11.46 9.70 5.12
C ASP B 473 -10.33 9.92 4.10
N ARG B 474 -10.69 10.16 2.84
CA ARG B 474 -9.71 10.40 1.78
C ARG B 474 -8.67 11.42 2.24
N LEU B 475 -7.41 11.05 2.06
CA LEU B 475 -6.30 11.89 2.48
C LEU B 475 -6.29 13.23 1.76
N PHE B 476 -6.74 13.23 0.52
CA PHE B 476 -6.73 14.44 -0.27
C PHE B 476 -8.08 14.93 -0.70
N SER B 477 -8.17 16.24 -0.84
CA SER B 477 -9.38 16.92 -1.22
C SER B 477 -9.73 16.74 -2.71
N VAL B 478 -8.71 16.48 -3.53
CA VAL B 478 -8.91 16.31 -4.97
C VAL B 478 -8.62 14.89 -5.46
N PRO B 479 -9.32 14.45 -6.53
CA PRO B 479 -9.18 13.11 -7.13
C PRO B 479 -7.75 12.77 -7.57
N ASN B 480 -7.04 13.75 -8.14
CA ASN B 480 -5.68 13.54 -8.59
C ASN B 480 -4.71 14.51 -7.90
N PRO B 481 -4.40 14.26 -6.62
CA PRO B 481 -3.49 15.11 -5.87
C PRO B 481 -2.08 15.20 -6.45
N GLY B 482 -1.65 14.15 -7.13
CA GLY B 482 -0.32 14.13 -7.72
C GLY B 482 -0.16 15.16 -8.82
N ALA B 483 -1.29 15.59 -9.38
CA ALA B 483 -1.29 16.59 -10.45
C ALA B 483 -1.33 18.02 -9.92
N ALA B 484 -1.48 18.17 -8.61
CA ALA B 484 -1.51 19.49 -8.01
C ALA B 484 -0.10 20.07 -7.98
N ASP B 485 -0.01 21.38 -8.06
CA ASP B 485 1.28 22.07 -8.05
C ASP B 485 2.00 21.86 -6.72
N ASP B 486 1.23 21.82 -5.64
CA ASP B 486 1.75 21.59 -4.30
C ASP B 486 0.73 20.62 -3.70
N PHE B 487 0.92 19.33 -3.97
CA PHE B 487 0.00 18.30 -3.50
C PHE B 487 -0.30 18.36 -2.01
N LEU B 488 0.66 18.83 -1.22
CA LEU B 488 0.46 18.93 0.23
C LEU B 488 -0.65 19.90 0.58
N SER B 489 -0.71 21.04 -0.10
CA SER B 489 -1.71 22.06 0.17
C SER B 489 -3.13 21.59 -0.10
N VAL B 490 -3.28 20.44 -0.74
CA VAL B 490 -4.61 19.93 -1.04
C VAL B 490 -5.02 18.73 -0.15
N ILE B 491 -4.34 18.58 0.99
CA ILE B 491 -4.63 17.53 1.95
C ILE B 491 -5.97 17.82 2.61
N ASN B 492 -6.74 16.75 2.87
CA ASN B 492 -8.04 16.90 3.50
C ASN B 492 -7.81 17.11 5.00
N PRO B 493 -8.31 18.23 5.56
CA PRO B 493 -8.13 18.49 6.99
C PRO B 493 -8.97 17.55 7.84
N GLU B 494 -10.02 17.00 7.24
CA GLU B 494 -10.90 16.07 7.93
C GLU B 494 -10.59 14.61 7.57
N SER B 495 -9.34 14.34 7.18
CA SER B 495 -8.93 12.98 6.82
C SER B 495 -8.99 12.08 8.05
N LEU B 496 -8.83 12.69 9.22
CA LEU B 496 -8.92 12.00 10.50
C LEU B 496 -9.77 12.83 11.43
N VAL B 497 -10.77 12.19 12.03
CA VAL B 497 -11.66 12.85 12.97
C VAL B 497 -11.87 11.92 14.16
N ILE B 498 -11.10 12.16 15.22
CA ILE B 498 -11.17 11.34 16.44
C ILE B 498 -12.37 11.67 17.30
N LYS B 499 -13.26 10.69 17.45
CA LYS B 499 -14.45 10.84 18.27
C LYS B 499 -14.32 9.98 19.51
N GLN B 500 -15.08 10.32 20.53
CA GLN B 500 -15.09 9.57 21.79
C GLN B 500 -16.50 9.03 21.98
N GLY B 501 -16.63 7.71 21.99
CA GLY B 501 -17.93 7.09 22.14
C GLY B 501 -17.98 5.97 23.16
N PHE B 502 -19.07 5.21 23.11
CA PHE B 502 -19.27 4.09 24.04
C PHE B 502 -19.63 2.82 23.29
N ALA B 503 -19.07 1.70 23.75
CA ALA B 503 -19.34 0.41 23.14
C ALA B 503 -19.79 -0.63 24.17
N GLU B 504 -20.50 -1.66 23.69
CA GLU B 504 -20.97 -2.74 24.56
C GLU B 504 -19.73 -3.44 25.15
N PRO B 505 -19.82 -3.92 26.40
CA PRO B 505 -18.74 -4.61 27.12
C PRO B 505 -18.01 -5.75 26.40
N SER B 506 -18.64 -6.31 25.36
CA SER B 506 -18.05 -7.41 24.57
C SER B 506 -16.70 -7.03 23.98
N LEU B 507 -16.63 -5.85 23.38
CA LEU B 507 -15.41 -5.34 22.75
C LEU B 507 -14.25 -5.23 23.73
N LYS B 508 -14.51 -5.49 25.00
CA LYS B 508 -13.49 -5.45 26.03
C LYS B 508 -12.44 -6.50 25.64
N ASP B 509 -12.94 -7.66 25.21
CA ASP B 509 -12.08 -8.76 24.81
C ASP B 509 -11.66 -8.70 23.34
N ALA B 510 -11.89 -7.57 22.69
CA ALA B 510 -11.52 -7.40 21.28
C ALA B 510 -10.01 -7.35 21.12
N VAL B 511 -9.50 -8.07 20.12
CA VAL B 511 -8.06 -8.11 19.85
C VAL B 511 -7.72 -7.41 18.54
N ALA B 512 -6.49 -6.92 18.44
CA ALA B 512 -6.02 -6.23 17.23
C ALA B 512 -5.87 -7.30 16.15
N GLY B 513 -6.41 -7.01 14.96
CA GLY B 513 -6.33 -7.96 13.88
C GLY B 513 -7.70 -8.38 13.39
N LYS B 514 -8.68 -8.43 14.29
CA LYS B 514 -10.02 -8.80 13.89
C LYS B 514 -10.91 -7.59 13.77
N ALA B 515 -11.70 -7.59 12.70
CA ALA B 515 -12.62 -6.51 12.45
C ALA B 515 -14.04 -6.91 12.85
N PHE B 516 -14.70 -6.03 13.61
CA PHE B 516 -16.07 -6.23 14.07
C PHE B 516 -16.87 -5.24 13.23
N GLN B 517 -18.11 -5.60 12.87
CA GLN B 517 -18.93 -4.66 12.12
C GLN B 517 -19.85 -3.94 13.07
N PHE B 518 -19.55 -2.70 13.40
CA PHE B 518 -20.42 -1.95 14.28
C PHE B 518 -21.73 -1.70 13.53
N GLU B 519 -22.83 -2.09 14.18
CA GLU B 519 -24.17 -1.97 13.61
C GLU B 519 -24.50 -0.56 13.13
N ARG B 520 -24.95 -0.48 11.87
CA ARG B 520 -25.35 0.77 11.22
C ARG B 520 -24.29 1.87 11.12
N GLU B 521 -23.01 1.51 11.28
CA GLU B 521 -21.95 2.50 11.21
C GLU B 521 -20.80 2.14 10.25
N GLY B 522 -20.39 0.88 10.26
CA GLY B 522 -19.31 0.44 9.40
C GLY B 522 -18.50 -0.70 10.00
N TYR B 523 -17.30 -0.91 9.47
CA TYR B 523 -16.42 -1.97 9.97
C TYR B 523 -15.26 -1.32 10.70
N PHE B 524 -14.97 -1.84 11.89
CA PHE B 524 -13.92 -1.29 12.74
C PHE B 524 -12.97 -2.37 13.21
N CYS B 525 -11.87 -1.96 13.83
CA CYS B 525 -10.89 -2.90 14.34
C CYS B 525 -9.99 -2.19 15.34
N LEU B 526 -9.38 -2.96 16.24
CA LEU B 526 -8.51 -2.42 17.25
C LEU B 526 -7.16 -1.99 16.65
N ASP B 527 -6.13 -1.98 17.50
CA ASP B 527 -4.74 -1.61 17.16
C ASP B 527 -4.56 -0.11 17.25
N SER B 528 -4.64 0.56 16.10
CA SER B 528 -4.48 2.00 15.99
C SER B 528 -3.08 2.43 16.44
N ARG B 529 -2.33 1.50 17.04
CA ARG B 529 -0.99 1.74 17.58
C ARG B 529 -1.11 2.60 18.85
N HIS B 530 -2.35 2.81 19.29
CA HIS B 530 -2.66 3.63 20.46
C HIS B 530 -3.55 2.96 21.50
N SER B 531 -4.34 1.98 21.06
CA SER B 531 -5.25 1.28 21.98
C SER B 531 -4.56 0.61 23.17
N THR B 532 -4.93 1.07 24.36
CA THR B 532 -4.38 0.53 25.62
C THR B 532 -5.42 -0.34 26.29
N ALA B 533 -5.19 -0.65 27.57
CA ALA B 533 -6.12 -1.46 28.36
C ALA B 533 -7.26 -0.59 28.85
N GLU B 534 -6.95 0.66 29.22
CA GLU B 534 -7.97 1.59 29.72
C GLU B 534 -8.79 2.15 28.56
N LYS B 535 -8.11 2.77 27.60
CA LYS B 535 -8.79 3.38 26.45
C LYS B 535 -8.50 2.68 25.13
N PRO B 536 -9.41 1.77 24.73
CA PRO B 536 -9.25 1.04 23.47
C PRO B 536 -9.53 2.00 22.30
N VAL B 537 -8.67 1.95 21.29
CA VAL B 537 -8.85 2.79 20.10
C VAL B 537 -9.28 1.92 18.92
N PHE B 538 -10.29 2.39 18.20
CA PHE B 538 -10.83 1.67 17.04
C PHE B 538 -10.78 2.47 15.74
N ASN B 539 -10.20 1.87 14.70
CA ASN B 539 -10.09 2.50 13.38
C ASN B 539 -11.33 2.11 12.57
N ARG B 540 -11.94 3.05 11.86
CA ARG B 540 -13.09 2.70 11.01
C ARG B 540 -12.50 2.28 9.68
N THR B 541 -12.40 0.99 9.46
CA THR B 541 -11.85 0.47 8.22
C THR B 541 -12.59 1.10 7.04
N VAL B 542 -13.92 1.13 7.14
CA VAL B 542 -14.74 1.70 6.10
C VAL B 542 -16.21 1.64 6.51
N GLY B 543 -16.96 2.69 6.22
CA GLY B 543 -18.37 2.72 6.56
C GLY B 543 -19.19 1.82 5.65
N LEU B 544 -20.46 1.64 6.01
CA LEU B 544 -21.38 0.83 5.21
C LEU B 544 -21.91 1.67 4.06
N ARG B 545 -22.54 1.02 3.08
CA ARG B 545 -23.11 1.75 1.95
C ARG B 545 -24.33 2.53 2.44
N ASP B 546 -24.39 3.81 2.11
CA ASP B 546 -25.49 4.65 2.53
C ASP B 546 -25.95 5.59 1.42
N THR B 547 -27.21 5.41 1.02
CA THR B 547 -27.80 6.25 -0.04
C THR B 547 -29.15 6.82 0.43
S SO4 C . 16.76 -11.91 4.68
O1 SO4 C . 16.81 -10.69 3.85
O2 SO4 C . 15.46 -12.00 5.35
O3 SO4 C . 17.85 -11.87 5.67
O4 SO4 C . 16.93 -13.09 3.81
S SO4 D . 7.34 3.89 -6.95
O1 SO4 D . 6.22 3.49 -7.82
O2 SO4 D . 6.85 4.83 -5.93
O3 SO4 D . 8.38 4.54 -7.76
O4 SO4 D . 7.90 2.69 -6.30
S SO4 E . 1.98 10.43 -8.06
O1 SO4 E . 1.61 10.64 -6.65
O2 SO4 E . 0.82 10.75 -8.92
O3 SO4 E . 2.36 9.02 -8.26
O4 SO4 E . 3.12 11.30 -8.41
S SO4 F . -4.48 -15.43 3.81
O1 SO4 F . -3.84 -16.11 2.66
O2 SO4 F . -3.60 -14.34 4.29
O3 SO4 F . -5.80 -14.88 3.41
O4 SO4 F . -4.69 -16.41 4.88
N QSI G . 13.91 -1.91 -8.56
CA QSI G . 13.03 -1.49 -9.68
CB QSI G . 12.75 -2.69 -10.58
CG QSI G . 12.34 -2.31 -11.97
CD QSI G . 11.52 -3.38 -12.66
OE1 QSI G . 10.44 -3.73 -12.23
NE2 QSI G . 12.05 -3.89 -13.76
C QSI G . 11.70 -0.89 -9.19
O QSI G . 10.79 -0.46 -9.91
N10 QSI G . 11.59 -0.88 -7.86
S QSI G . 10.28 -0.33 -7.05
O1S QSI G . 10.04 1.05 -7.48
O2S QSI G . 10.50 -0.48 -5.63
O5' QSI G . 8.98 -1.16 -7.43
C5' QSI G . 9.11 -2.55 -7.58
C4' QSI G . 8.10 -3.12 -8.54
O4' QSI G . 6.82 -2.55 -8.38
C1' QSI G . 6.41 -2.05 -9.64
N9 QSI G . 5.54 -0.84 -9.37
C4 QSI G . 4.20 -0.74 -9.61
N3 QSI G . 3.40 -1.69 -10.13
C2 QSI G . 2.16 -1.24 -10.25
N1 QSI G . 1.67 -0.06 -9.93
C6 QSI G . 2.49 0.88 -9.40
N6 QSI G . 1.99 2.09 -9.06
C5 QSI G . 3.84 0.52 -9.22
N7 QSI G . 4.93 1.22 -8.74
C8 QSI G . 5.91 0.36 -8.86
C2' QSI G . 7.69 -1.74 -10.45
O2' QSI G . 7.49 -1.71 -11.88
C3' QSI G . 8.56 -2.89 -9.96
O3' QSI G . 8.33 -4.05 -10.77
#